data_1BOB
#
_entry.id   1BOB
#
_cell.length_a   111.300
_cell.length_b   47.900
_cell.length_c   75.700
_cell.angle_alpha   90.00
_cell.angle_beta   90.30
_cell.angle_gamma   90.00
#
_symmetry.space_group_name_H-M   'C 1 2 1'
#
loop_
_entity.id
_entity.type
_entity.pdbx_description
1 polymer 'HISTONE ACETYLTRANSFERASE'
2 non-polymer 'CALCIUM ION'
3 non-polymer 'ACETYL COENZYME *A'
4 water water
#
_entity_poly.entity_id   1
_entity_poly.type   'polypeptide(L)'
_entity_poly.pdbx_seq_one_letter_code
;MSANDFKPETWTSSANEALRVSIVGENAVQFSPLFTYPIYGDSEKIYGYKDLIIHLAFDSVTFKPYVNVKYSAKLGDDNI
VDVEKKLLSFLPKDDVIVRDEAKWVDCFAEERKTHNLSDVFEKVSEYSLNGEEFVVYKSSLVDDFARRMHRRVQIFSLLF
IEAANYIDETDPSWQIYWLLNKKTKELIGFVTTYKYWHYLGAKSFDEDIDKKFRAKISQFLIFPPYQNKGHGSCLYEAII
QSWLEDKSITEITVEDPNEAFDDLRDRNDIQRLRKLGYDAVFQKHSDLSDEFLESSRKSLKLEERQFNRLVEMLLLLNNS
;
_entity_poly.pdbx_strand_id   A
#
# COMPACT_ATOMS: atom_id res chain seq x y z
N PHE A 6 27.28 -34.55 -0.37
CA PHE A 6 25.85 -34.13 -0.29
C PHE A 6 25.68 -32.61 -0.30
N LYS A 7 25.98 -31.96 0.82
CA LYS A 7 25.84 -30.51 0.98
C LYS A 7 24.39 -30.03 0.92
N PRO A 8 23.73 -29.90 2.08
CA PRO A 8 22.33 -29.46 2.16
C PRO A 8 22.02 -28.02 1.76
N GLU A 9 23.04 -27.22 1.43
CA GLU A 9 22.83 -25.82 1.01
C GLU A 9 22.33 -25.78 -0.44
N THR A 10 22.58 -26.87 -1.15
CA THR A 10 22.14 -26.98 -2.54
C THR A 10 20.63 -27.19 -2.58
N TRP A 11 20.07 -27.57 -1.43
CA TRP A 11 18.64 -27.80 -1.26
C TRP A 11 17.96 -26.71 -0.41
N THR A 12 18.75 -25.76 0.05
CA THR A 12 18.24 -24.65 0.86
C THR A 12 18.39 -23.37 0.05
N SER A 13 17.38 -22.51 0.12
CA SER A 13 17.41 -21.25 -0.60
C SER A 13 16.65 -20.18 0.16
N SER A 14 17.08 -18.92 -0.01
CA SER A 14 16.43 -17.81 0.64
C SER A 14 15.14 -17.54 -0.12
N ALA A 15 14.02 -17.50 0.60
CA ALA A 15 12.72 -17.25 -0.01
C ALA A 15 12.64 -15.86 -0.62
N ASN A 16 13.45 -14.95 -0.10
CA ASN A 16 13.48 -13.57 -0.59
C ASN A 16 14.14 -13.49 -1.95
N GLU A 17 15.12 -14.36 -2.18
CA GLU A 17 15.83 -14.39 -3.46
C GLU A 17 15.11 -15.27 -4.48
N ALA A 18 14.45 -16.31 -3.99
CA ALA A 18 13.73 -17.25 -4.85
C ALA A 18 12.43 -16.66 -5.40
N LEU A 19 11.73 -15.84 -4.62
CA LEU A 19 10.49 -15.25 -5.11
C LEU A 19 10.80 -13.98 -5.90
N ARG A 20 10.48 -14.01 -7.19
CA ARG A 20 10.68 -12.88 -8.07
C ARG A 20 9.32 -12.37 -8.50
N VAL A 21 9.01 -11.15 -8.10
CA VAL A 21 7.73 -10.51 -8.43
C VAL A 21 7.98 -9.55 -9.58
N SER A 22 6.98 -9.37 -10.44
CA SER A 22 7.10 -8.45 -11.57
C SER A 22 5.74 -7.93 -11.98
N ILE A 23 5.69 -6.64 -12.32
CA ILE A 23 4.44 -6.03 -12.79
C ILE A 23 4.67 -5.83 -14.28
N VAL A 24 3.78 -6.41 -15.07
CA VAL A 24 3.89 -6.40 -16.53
C VAL A 24 2.92 -5.50 -17.30
N GLY A 25 3.50 -4.53 -18.01
CA GLY A 25 2.72 -3.61 -18.82
C GLY A 25 3.45 -3.50 -20.13
N GLU A 26 4.14 -2.38 -20.35
CA GLU A 26 4.92 -2.15 -21.57
C GLU A 26 6.00 -3.22 -21.58
N ASN A 27 6.42 -3.61 -20.38
CA ASN A 27 7.40 -4.66 -20.18
C ASN A 27 7.43 -5.04 -18.71
N ALA A 28 7.91 -6.25 -18.43
CA ALA A 28 7.98 -6.75 -17.08
C ALA A 28 9.14 -6.16 -16.28
N VAL A 29 8.79 -5.46 -15.19
CA VAL A 29 9.79 -4.90 -14.31
C VAL A 29 9.77 -5.81 -13.07
N GLN A 30 10.86 -6.56 -12.92
CA GLN A 30 11.06 -7.54 -11.86
C GLN A 30 11.80 -7.05 -10.62
N PHE A 31 11.31 -7.43 -9.45
CA PHE A 31 11.91 -7.05 -8.17
C PHE A 31 11.70 -8.15 -7.11
N SER A 32 12.43 -8.03 -6.00
CA SER A 32 12.35 -8.98 -4.89
C SER A 32 11.49 -8.50 -3.74
N PRO A 33 10.92 -9.42 -2.96
CA PRO A 33 10.09 -9.01 -1.82
C PRO A 33 11.00 -8.60 -0.65
N LEU A 34 10.49 -7.73 0.22
CA LEU A 34 11.26 -7.32 1.39
C LEU A 34 11.02 -8.35 2.49
N PHE A 35 9.82 -8.95 2.48
CA PHE A 35 9.43 -9.95 3.46
C PHE A 35 8.72 -11.16 2.84
N THR A 36 9.08 -12.36 3.30
CA THR A 36 8.48 -13.60 2.82
C THR A 36 8.04 -14.48 4.00
N TYR A 37 8.41 -14.09 5.22
CA TYR A 37 8.06 -14.89 6.39
C TYR A 37 6.58 -15.17 6.56
N PRO A 38 5.69 -14.24 6.13
CA PRO A 38 4.27 -14.56 6.32
C PRO A 38 3.86 -15.83 5.53
N ILE A 39 4.56 -16.08 4.43
CA ILE A 39 4.30 -17.22 3.55
C ILE A 39 5.21 -18.43 3.78
N TYR A 40 6.52 -18.21 3.72
CA TYR A 40 7.46 -19.30 3.89
C TYR A 40 8.11 -19.48 5.27
N GLY A 41 7.45 -19.00 6.31
CA GLY A 41 7.99 -19.14 7.66
C GLY A 41 9.00 -18.10 8.12
N ASP A 42 9.15 -18.02 9.45
CA ASP A 42 10.05 -17.08 10.12
C ASP A 42 11.48 -17.02 9.63
N SER A 43 12.02 -18.17 9.23
CA SER A 43 13.40 -18.23 8.76
C SER A 43 13.55 -17.70 7.33
N GLU A 44 12.44 -17.54 6.63
CA GLU A 44 12.45 -17.05 5.25
C GLU A 44 13.40 -17.84 4.37
N LYS A 45 13.41 -19.15 4.63
CA LYS A 45 14.23 -20.11 3.90
C LYS A 45 13.32 -21.23 3.40
N ILE A 46 13.65 -21.76 2.22
CA ILE A 46 12.89 -22.88 1.66
C ILE A 46 13.87 -24.06 1.49
N TYR A 47 13.50 -25.21 2.06
CA TYR A 47 14.31 -26.44 2.02
C TYR A 47 13.68 -27.52 1.14
N GLY A 48 14.53 -28.20 0.36
CA GLY A 48 14.07 -29.26 -0.50
C GLY A 48 13.98 -29.04 -2.00
N TYR A 49 14.52 -27.94 -2.49
CA TYR A 49 14.48 -27.65 -3.93
C TYR A 49 15.84 -27.13 -4.38
N LYS A 50 16.22 -27.52 -5.59
CA LYS A 50 17.48 -27.11 -6.20
C LYS A 50 17.15 -26.22 -7.39
N ASP A 51 17.88 -25.11 -7.53
CA ASP A 51 17.68 -24.13 -8.61
C ASP A 51 16.25 -23.60 -8.60
N LEU A 52 15.73 -23.39 -7.39
CA LEU A 52 14.37 -22.89 -7.19
C LEU A 52 14.18 -21.47 -7.71
N ILE A 53 13.05 -21.23 -8.34
CA ILE A 53 12.69 -19.93 -8.89
C ILE A 53 11.17 -19.85 -8.91
N ILE A 54 10.63 -18.91 -8.14
CA ILE A 54 9.20 -18.71 -8.06
C ILE A 54 8.85 -17.37 -8.71
N HIS A 55 8.13 -17.43 -9.83
CA HIS A 55 7.71 -16.23 -10.55
C HIS A 55 6.30 -15.82 -10.17
N LEU A 56 6.13 -14.57 -9.75
CA LEU A 56 4.83 -14.04 -9.39
C LEU A 56 4.70 -12.75 -10.20
N ALA A 57 3.75 -12.74 -11.12
CA ALA A 57 3.58 -11.59 -11.99
C ALA A 57 2.17 -11.07 -11.99
N PHE A 58 2.04 -9.77 -12.20
CA PHE A 58 0.74 -9.12 -12.24
C PHE A 58 0.64 -8.22 -13.45
N ASP A 59 -0.54 -8.18 -14.06
CA ASP A 59 -0.75 -7.30 -15.19
C ASP A 59 -0.71 -5.90 -14.57
N SER A 60 -0.03 -4.97 -15.22
CA SER A 60 0.11 -3.61 -14.70
C SER A 60 -1.20 -2.84 -14.53
N VAL A 61 -2.26 -3.29 -15.22
CA VAL A 61 -3.56 -2.64 -15.17
C VAL A 61 -4.59 -3.32 -14.28
N THR A 62 -4.82 -4.61 -14.54
CA THR A 62 -5.81 -5.40 -13.80
C THR A 62 -5.24 -6.19 -12.64
N PHE A 63 -3.92 -6.35 -12.62
CA PHE A 63 -3.23 -7.11 -11.59
C PHE A 63 -3.65 -8.57 -11.51
N LYS A 64 -3.89 -9.15 -12.68
CA LYS A 64 -4.24 -10.55 -12.81
C LYS A 64 -2.97 -11.31 -12.44
N PRO A 65 -3.04 -12.18 -11.40
CA PRO A 65 -1.85 -12.93 -10.98
C PRO A 65 -1.47 -14.11 -11.88
N TYR A 66 -0.16 -14.35 -11.92
CA TYR A 66 0.41 -15.44 -12.69
C TYR A 66 1.50 -16.04 -11.82
N VAL A 67 1.47 -17.36 -11.66
CA VAL A 67 2.47 -18.06 -10.86
C VAL A 67 3.18 -19.14 -11.65
N ASN A 68 4.47 -19.33 -11.37
CA ASN A 68 5.27 -20.34 -12.03
C ASN A 68 6.49 -20.71 -11.21
N VAL A 69 6.42 -21.91 -10.65
CA VAL A 69 7.50 -22.48 -9.84
C VAL A 69 8.38 -23.39 -10.70
N LYS A 70 9.68 -23.15 -10.68
CA LYS A 70 10.62 -23.97 -11.43
C LYS A 70 11.78 -24.42 -10.55
N TYR A 71 12.23 -25.64 -10.80
CA TYR A 71 13.36 -26.19 -10.07
C TYR A 71 13.99 -27.32 -10.88
N SER A 72 15.28 -27.56 -10.65
CA SER A 72 15.98 -28.61 -11.36
C SER A 72 15.71 -29.96 -10.70
N ALA A 73 15.68 -29.98 -9.39
CA ALA A 73 15.42 -31.20 -8.63
C ALA A 73 14.69 -30.86 -7.32
N LYS A 74 14.21 -31.89 -6.64
CA LYS A 74 13.46 -31.71 -5.39
C LYS A 74 13.61 -32.93 -4.49
N LEU A 75 13.64 -32.71 -3.18
CA LEU A 75 13.77 -33.80 -2.21
C LEU A 75 12.51 -34.66 -2.12
N GLY A 76 12.70 -35.92 -1.75
CA GLY A 76 11.59 -36.84 -1.64
C GLY A 76 11.00 -36.95 -0.25
N ASP A 77 11.56 -36.21 0.70
CA ASP A 77 11.07 -36.22 2.08
C ASP A 77 9.59 -35.85 2.17
N ASP A 78 8.92 -36.39 3.18
CA ASP A 78 7.49 -36.16 3.38
C ASP A 78 7.11 -34.72 3.63
N ASN A 79 7.71 -34.12 4.65
CA ASN A 79 7.41 -32.75 4.99
C ASN A 79 8.12 -31.66 4.21
N ILE A 80 8.31 -31.89 2.91
CA ILE A 80 8.93 -30.88 2.05
C ILE A 80 7.76 -29.99 1.68
N VAL A 81 7.85 -28.72 2.06
CA VAL A 81 6.81 -27.74 1.78
C VAL A 81 6.47 -27.60 0.31
N ASP A 82 5.18 -27.51 0.00
CA ASP A 82 4.72 -27.35 -1.37
C ASP A 82 4.80 -25.86 -1.67
N VAL A 83 5.92 -25.46 -2.26
CA VAL A 83 6.17 -24.07 -2.61
C VAL A 83 5.03 -23.37 -3.35
N GLU A 84 4.48 -24.04 -4.36
CA GLU A 84 3.41 -23.46 -5.14
C GLU A 84 2.12 -23.30 -4.36
N LYS A 85 1.68 -24.37 -3.70
CA LYS A 85 0.45 -24.36 -2.90
C LYS A 85 0.49 -23.24 -1.86
N LYS A 86 1.63 -23.11 -1.21
CA LYS A 86 1.84 -22.08 -0.19
C LYS A 86 1.57 -20.69 -0.75
N LEU A 87 2.21 -20.36 -1.88
CA LEU A 87 2.03 -19.06 -2.47
C LEU A 87 0.58 -18.82 -2.84
N LEU A 88 -0.05 -19.82 -3.47
CA LEU A 88 -1.44 -19.73 -3.89
C LEU A 88 -2.44 -19.48 -2.74
N SER A 89 -2.12 -19.99 -1.56
CA SER A 89 -2.97 -19.83 -0.38
C SER A 89 -3.14 -18.39 0.06
N PHE A 90 -2.27 -17.51 -0.42
CA PHE A 90 -2.33 -16.09 -0.09
C PHE A 90 -2.85 -15.26 -1.25
N LEU A 91 -2.99 -15.91 -2.40
CA LEU A 91 -3.48 -15.27 -3.62
C LEU A 91 -4.97 -15.57 -3.75
N PRO A 92 -5.72 -14.74 -4.50
CA PRO A 92 -7.17 -14.96 -4.68
C PRO A 92 -7.53 -16.33 -5.26
N LYS A 93 -8.37 -17.06 -4.51
CA LYS A 93 -8.83 -18.39 -4.89
C LYS A 93 -9.45 -18.47 -6.29
N ASP A 94 -8.85 -19.32 -7.14
CA ASP A 94 -9.31 -19.52 -8.51
C ASP A 94 -9.32 -18.25 -9.36
N ASP A 95 -8.26 -17.48 -9.24
CA ASP A 95 -8.13 -16.23 -9.98
C ASP A 95 -6.70 -16.12 -10.48
N VAL A 96 -5.90 -17.15 -10.19
CA VAL A 96 -4.50 -17.19 -10.59
C VAL A 96 -4.24 -18.19 -11.72
N ILE A 97 -3.54 -17.72 -12.76
CA ILE A 97 -3.19 -18.58 -13.87
C ILE A 97 -1.80 -19.12 -13.56
N VAL A 98 -1.70 -20.44 -13.50
CA VAL A 98 -0.44 -21.12 -13.20
C VAL A 98 0.17 -21.73 -14.47
N ARG A 99 1.49 -21.58 -14.58
CA ARG A 99 2.30 -22.10 -15.69
C ARG A 99 1.96 -21.64 -17.11
N ASP A 100 0.69 -21.69 -17.50
CA ASP A 100 0.28 -21.29 -18.83
C ASP A 100 0.33 -19.77 -18.98
N GLU A 101 1.48 -19.29 -19.44
CA GLU A 101 1.73 -17.86 -19.65
C GLU A 101 0.85 -17.24 -20.74
N ALA A 102 0.55 -18.01 -21.77
CA ALA A 102 -0.26 -17.52 -22.87
C ALA A 102 -1.71 -17.39 -22.43
N LYS A 103 -2.16 -18.27 -21.53
CA LYS A 103 -3.53 -18.23 -21.02
C LYS A 103 -3.70 -16.96 -20.20
N TRP A 104 -2.67 -16.67 -19.41
CA TRP A 104 -2.65 -15.50 -18.55
C TRP A 104 -2.83 -14.22 -19.36
N VAL A 105 -1.98 -14.06 -20.37
CA VAL A 105 -2.01 -12.88 -21.25
C VAL A 105 -3.38 -12.69 -21.90
N ASP A 106 -3.98 -13.80 -22.35
CA ASP A 106 -5.29 -13.77 -22.99
C ASP A 106 -6.32 -13.28 -22.00
N CYS A 107 -6.26 -13.81 -20.78
CA CYS A 107 -7.20 -13.45 -19.72
C CYS A 107 -7.20 -11.96 -19.45
N PHE A 108 -6.01 -11.40 -19.17
CA PHE A 108 -5.91 -9.98 -18.86
C PHE A 108 -6.07 -9.00 -20.00
N ALA A 109 -5.69 -9.41 -21.21
CA ALA A 109 -5.84 -8.56 -22.40
C ALA A 109 -7.34 -8.44 -22.70
N GLU A 110 -8.07 -9.50 -22.32
CA GLU A 110 -9.50 -9.57 -22.51
C GLU A 110 -10.20 -8.73 -21.45
N GLU A 111 -9.80 -8.94 -20.20
CA GLU A 111 -10.36 -8.22 -19.07
C GLU A 111 -10.11 -6.71 -19.17
N ARG A 112 -8.95 -6.35 -19.75
CA ARG A 112 -8.56 -4.95 -19.91
C ARG A 112 -9.61 -4.13 -20.67
N LYS A 113 -10.47 -4.82 -21.40
CA LYS A 113 -11.52 -4.18 -22.18
C LYS A 113 -12.58 -3.50 -21.29
N THR A 114 -13.22 -4.27 -20.42
CA THR A 114 -14.26 -3.72 -19.52
C THR A 114 -13.72 -3.07 -18.23
N HIS A 115 -12.44 -3.28 -17.95
CA HIS A 115 -11.79 -2.75 -16.76
C HIS A 115 -11.78 -1.22 -16.69
N ASN A 116 -12.73 -0.66 -15.95
CA ASN A 116 -12.81 0.79 -15.80
C ASN A 116 -13.23 1.21 -14.40
N LEU A 117 -12.29 1.82 -13.68
CA LEU A 117 -12.52 2.28 -12.32
C LEU A 117 -13.25 3.61 -12.24
N SER A 118 -13.38 4.27 -13.41
CA SER A 118 -14.05 5.56 -13.48
C SER A 118 -15.57 5.42 -13.43
N ASP A 119 -16.08 4.23 -13.76
CA ASP A 119 -17.51 3.95 -13.76
C ASP A 119 -18.07 3.56 -12.40
N VAL A 120 -17.22 2.96 -11.56
CA VAL A 120 -17.65 2.50 -10.24
C VAL A 120 -17.08 3.23 -9.02
N PHE A 121 -15.87 3.78 -9.16
CA PHE A 121 -15.20 4.48 -8.05
C PHE A 121 -15.37 6.00 -8.09
N GLU A 122 -15.30 6.62 -6.92
CA GLU A 122 -15.45 8.07 -6.79
C GLU A 122 -14.08 8.70 -6.89
N LYS A 123 -13.92 9.68 -7.76
CA LYS A 123 -12.64 10.36 -7.91
C LYS A 123 -12.42 11.27 -6.71
N VAL A 124 -11.21 11.24 -6.19
CA VAL A 124 -10.84 12.02 -5.03
C VAL A 124 -9.93 13.20 -5.39
N SER A 125 -9.05 13.01 -6.36
CA SER A 125 -8.11 14.07 -6.73
C SER A 125 -7.28 13.68 -7.96
N GLU A 126 -6.52 14.64 -8.47
CA GLU A 126 -5.65 14.44 -9.63
C GLU A 126 -4.37 15.27 -9.45
N TYR A 127 -3.29 14.82 -10.06
CA TYR A 127 -2.02 15.54 -10.00
C TYR A 127 -1.10 15.10 -11.13
N SER A 128 -0.08 15.91 -11.39
CA SER A 128 0.86 15.57 -12.45
C SER A 128 2.27 15.43 -11.93
N LEU A 129 3.15 14.42 -12.27
CA LEU A 129 4.62 14.17 -11.91
C LEU A 129 5.38 13.83 -13.23
N ASN A 130 6.11 14.62 -13.87
CA ASN A 130 6.90 14.37 -15.08
C ASN A 130 6.03 14.36 -16.35
N GLY A 131 5.06 15.28 -16.39
CA GLY A 131 4.18 15.37 -17.54
C GLY A 131 2.91 14.54 -17.45
N GLU A 132 2.99 13.36 -16.82
CA GLU A 132 1.82 12.50 -16.71
C GLU A 132 0.82 12.80 -15.61
N GLU A 133 -0.45 12.64 -15.96
CA GLU A 133 -1.57 12.86 -15.04
C GLU A 133 -1.88 11.58 -14.26
N PHE A 134 -2.21 11.74 -12.98
CA PHE A 134 -2.54 10.62 -12.10
C PHE A 134 -3.83 10.87 -11.35
N VAL A 135 -4.63 9.82 -11.18
CA VAL A 135 -5.92 9.95 -10.52
C VAL A 135 -6.04 9.10 -9.26
N VAL A 136 -6.70 9.67 -8.27
CA VAL A 136 -6.92 9.01 -6.99
C VAL A 136 -8.42 8.76 -6.90
N TYR A 137 -8.79 7.49 -6.71
CA TYR A 137 -10.19 7.11 -6.58
C TYR A 137 -10.32 6.40 -5.26
N LYS A 138 -11.55 6.24 -4.80
CA LYS A 138 -11.79 5.54 -3.55
C LYS A 138 -13.01 4.67 -3.71
N SER A 139 -13.12 3.68 -2.84
CA SER A 139 -14.26 2.78 -2.89
C SER A 139 -14.30 1.97 -1.62
N SER A 140 -15.40 1.28 -1.41
CA SER A 140 -15.57 0.41 -0.27
C SER A 140 -15.07 -0.95 -0.77
N LEU A 141 -15.40 -1.99 -0.04
CA LEU A 141 -15.03 -3.34 -0.42
C LEU A 141 -16.29 -4.18 -0.47
N VAL A 142 -17.44 -3.54 -0.72
CA VAL A 142 -18.68 -4.29 -0.78
C VAL A 142 -18.92 -4.82 -2.18
N ASP A 143 -18.64 -4.02 -3.20
CA ASP A 143 -18.85 -4.45 -4.57
C ASP A 143 -17.80 -5.45 -5.05
N ASP A 144 -18.23 -6.33 -5.96
CA ASP A 144 -17.38 -7.39 -6.53
C ASP A 144 -16.09 -6.92 -7.19
N PHE A 145 -16.17 -5.80 -7.90
CA PHE A 145 -14.99 -5.26 -8.59
C PHE A 145 -13.86 -4.88 -7.62
N ALA A 146 -14.19 -4.07 -6.62
CA ALA A 146 -13.18 -3.64 -5.64
C ALA A 146 -12.63 -4.83 -4.88
N ARG A 147 -13.50 -5.76 -4.50
CA ARG A 147 -13.06 -6.93 -3.75
C ARG A 147 -12.09 -7.77 -4.57
N ARG A 148 -12.35 -7.83 -5.87
CA ARG A 148 -11.51 -8.61 -6.77
C ARG A 148 -10.12 -7.98 -6.87
N MET A 149 -10.08 -6.68 -7.08
CA MET A 149 -8.81 -5.97 -7.18
C MET A 149 -8.03 -6.01 -5.87
N HIS A 150 -8.74 -5.87 -4.75
CA HIS A 150 -8.07 -5.89 -3.45
C HIS A 150 -7.39 -7.23 -3.14
N ARG A 151 -8.07 -8.33 -3.46
CA ARG A 151 -7.50 -9.65 -3.22
C ARG A 151 -6.29 -9.91 -4.14
N ARG A 152 -6.19 -9.15 -5.23
CA ARG A 152 -5.06 -9.31 -6.14
C ARG A 152 -3.82 -8.52 -5.67
N VAL A 153 -4.02 -7.31 -5.17
CA VAL A 153 -2.90 -6.47 -4.71
C VAL A 153 -2.51 -6.68 -3.24
N GLN A 154 -3.45 -7.24 -2.49
CA GLN A 154 -3.31 -7.55 -1.07
C GLN A 154 -1.97 -8.17 -0.65
N ILE A 155 -1.48 -9.13 -1.41
CA ILE A 155 -0.23 -9.81 -1.08
C ILE A 155 0.98 -8.87 -0.97
N PHE A 156 0.91 -7.72 -1.65
CA PHE A 156 1.99 -6.74 -1.61
C PHE A 156 2.26 -6.21 -0.21
N SER A 157 1.20 -6.09 0.59
CA SER A 157 1.33 -5.61 1.97
C SER A 157 2.20 -6.57 2.78
N LEU A 158 1.98 -7.88 2.58
CA LEU A 158 2.73 -8.92 3.29
C LEU A 158 4.17 -9.01 2.82
N LEU A 159 4.39 -8.73 1.55
CA LEU A 159 5.73 -8.79 0.98
C LEU A 159 6.57 -7.53 1.20
N PHE A 160 5.93 -6.41 1.49
CA PHE A 160 6.67 -5.17 1.66
C PHE A 160 6.42 -4.38 2.91
N ILE A 161 5.42 -4.75 3.69
CA ILE A 161 5.11 -4.05 4.93
C ILE A 161 5.24 -5.05 6.06
N GLU A 162 6.26 -4.86 6.89
CA GLU A 162 6.49 -5.77 8.00
C GLU A 162 5.32 -5.70 8.98
N ALA A 163 4.99 -6.85 9.56
CA ALA A 163 3.90 -6.99 10.52
C ALA A 163 2.48 -6.83 9.98
N ALA A 164 2.35 -6.68 8.67
CA ALA A 164 1.05 -6.55 8.01
C ALA A 164 0.24 -7.85 8.06
N ASN A 165 -1.08 -7.73 8.04
CA ASN A 165 -1.97 -8.87 8.06
C ASN A 165 -3.12 -8.53 7.11
N TYR A 166 -3.74 -9.56 6.54
CA TYR A 166 -4.87 -9.35 5.64
C TYR A 166 -6.07 -8.84 6.43
N ILE A 167 -6.70 -7.78 5.94
CA ILE A 167 -7.88 -7.21 6.60
C ILE A 167 -9.15 -8.03 6.29
N ASP A 168 -10.17 -7.88 7.12
CA ASP A 168 -11.44 -8.59 6.90
C ASP A 168 -12.22 -7.76 5.90
N GLU A 169 -12.38 -8.28 4.69
CA GLU A 169 -13.09 -7.56 3.64
C GLU A 169 -14.58 -7.27 3.86
N THR A 170 -15.19 -7.97 4.81
CA THR A 170 -16.62 -7.76 5.09
C THR A 170 -16.90 -6.61 6.06
N ASP A 171 -15.85 -6.10 6.70
CA ASP A 171 -15.98 -4.97 7.63
C ASP A 171 -16.31 -3.75 6.77
N PRO A 172 -17.50 -3.17 6.96
CA PRO A 172 -17.96 -1.99 6.21
C PRO A 172 -17.14 -0.71 6.43
N SER A 173 -16.37 -0.68 7.51
CA SER A 173 -15.56 0.49 7.82
C SER A 173 -14.35 0.66 6.91
N TRP A 174 -14.05 -0.35 6.10
CA TRP A 174 -12.92 -0.26 5.19
C TRP A 174 -13.24 0.55 3.95
N GLN A 175 -12.26 1.33 3.52
CA GLN A 175 -12.37 2.15 2.34
C GLN A 175 -10.98 2.23 1.73
N ILE A 176 -10.86 1.82 0.48
CA ILE A 176 -9.58 1.82 -0.21
C ILE A 176 -9.44 2.99 -1.18
N TYR A 177 -8.21 3.51 -1.28
CA TYR A 177 -7.90 4.58 -2.22
C TYR A 177 -6.99 3.94 -3.25
N TRP A 178 -7.28 4.20 -4.52
CA TRP A 178 -6.52 3.62 -5.60
C TRP A 178 -5.88 4.71 -6.43
N LEU A 179 -4.57 4.59 -6.63
CA LEU A 179 -3.82 5.56 -7.41
C LEU A 179 -3.48 4.95 -8.77
N LEU A 180 -3.95 5.57 -9.84
CA LEU A 180 -3.64 5.05 -11.15
C LEU A 180 -3.24 6.12 -12.16
N ASN A 181 -2.51 5.67 -13.18
CA ASN A 181 -2.09 6.53 -14.27
C ASN A 181 -3.39 6.83 -15.01
N LYS A 182 -3.67 8.12 -15.21
CA LYS A 182 -4.88 8.54 -15.88
C LYS A 182 -5.08 7.97 -17.28
N LYS A 183 -4.09 8.16 -18.15
CA LYS A 183 -4.22 7.66 -19.52
C LYS A 183 -4.09 6.16 -19.70
N THR A 184 -3.15 5.52 -19.00
CA THR A 184 -2.94 4.09 -19.13
C THR A 184 -3.72 3.19 -18.16
N LYS A 185 -4.32 3.78 -17.13
CA LYS A 185 -5.11 3.03 -16.14
C LYS A 185 -4.34 2.00 -15.32
N GLU A 186 -3.01 2.09 -15.31
CA GLU A 186 -2.20 1.16 -14.55
C GLU A 186 -2.27 1.54 -13.08
N LEU A 187 -2.38 0.53 -12.21
CA LEU A 187 -2.46 0.76 -10.79
C LEU A 187 -1.06 1.03 -10.24
N ILE A 188 -0.87 2.23 -9.69
CA ILE A 188 0.41 2.67 -9.12
C ILE A 188 0.57 2.32 -7.64
N GLY A 189 -0.53 2.37 -6.91
CA GLY A 189 -0.49 2.05 -5.49
C GLY A 189 -1.88 2.01 -4.91
N PHE A 190 -1.98 1.69 -3.62
CA PHE A 190 -3.28 1.63 -2.97
C PHE A 190 -3.16 1.93 -1.46
N VAL A 191 -4.28 2.26 -0.82
CA VAL A 191 -4.28 2.57 0.60
C VAL A 191 -5.55 2.06 1.25
N THR A 192 -5.40 1.26 2.30
CA THR A 192 -6.59 0.78 3.02
C THR A 192 -6.77 1.72 4.22
N THR A 193 -7.95 2.33 4.34
CA THR A 193 -8.23 3.26 5.44
C THR A 193 -9.39 2.76 6.26
N TYR A 194 -9.54 3.29 7.47
CA TYR A 194 -10.61 2.85 8.37
C TYR A 194 -11.35 3.99 9.08
N LYS A 195 -12.67 4.05 8.87
CA LYS A 195 -13.52 5.06 9.49
C LYS A 195 -14.16 4.44 10.72
N TYR A 196 -13.76 4.92 11.90
CA TYR A 196 -14.30 4.38 13.13
C TYR A 196 -14.58 5.48 14.14
N TRP A 197 -15.53 5.21 15.03
CA TRP A 197 -15.85 6.15 16.08
C TRP A 197 -16.00 5.34 17.37
N HIS A 198 -16.29 6.02 18.48
CA HIS A 198 -16.43 5.35 19.77
C HIS A 198 -17.61 5.95 20.53
N TYR A 199 -17.63 7.29 20.60
CA TYR A 199 -18.69 8.08 21.25
C TYR A 199 -18.30 9.56 21.26
N ILE A 209 -28.16 14.54 13.72
CA ILE A 209 -28.47 14.18 12.31
C ILE A 209 -27.38 13.27 11.73
N ASP A 210 -26.20 13.84 11.46
CA ASP A 210 -25.08 13.08 10.91
C ASP A 210 -24.09 12.63 12.01
N LYS A 211 -23.10 11.83 11.63
CA LYS A 211 -22.12 11.32 12.59
C LYS A 211 -20.68 11.74 12.33
N LYS A 212 -19.85 11.65 13.38
CA LYS A 212 -18.44 12.00 13.30
C LYS A 212 -17.60 10.72 13.36
N PHE A 213 -16.40 10.75 12.77
CA PHE A 213 -15.50 9.61 12.73
C PHE A 213 -14.04 10.01 12.79
N ARG A 214 -13.18 9.05 13.11
CA ARG A 214 -11.74 9.25 13.12
C ARG A 214 -11.32 8.42 11.94
N ALA A 215 -10.46 8.96 11.10
CA ALA A 215 -10.00 8.24 9.92
C ALA A 215 -8.55 7.85 10.13
N LYS A 216 -8.24 6.58 9.89
CA LYS A 216 -6.86 6.13 10.03
C LYS A 216 -6.36 5.35 8.84
N ILE A 217 -5.10 5.62 8.49
CA ILE A 217 -4.43 4.96 7.38
C ILE A 217 -3.81 3.70 7.97
N SER A 218 -4.28 2.56 7.48
CA SER A 218 -3.81 1.25 7.94
C SER A 218 -2.67 0.68 7.09
N GLN A 219 -2.85 0.65 5.76
CA GLN A 219 -1.83 0.15 4.84
C GLN A 219 -1.68 1.14 3.70
N PHE A 220 -0.45 1.52 3.40
CA PHE A 220 -0.15 2.48 2.35
C PHE A 220 0.95 1.86 1.50
N LEU A 221 0.69 1.65 0.21
CA LEU A 221 1.70 1.03 -0.65
C LEU A 221 1.75 1.50 -2.10
N ILE A 222 2.95 1.83 -2.54
CA ILE A 222 3.21 2.26 -3.91
C ILE A 222 4.07 1.09 -4.42
N PHE A 223 3.63 0.41 -5.47
CA PHE A 223 4.38 -0.72 -6.00
C PHE A 223 5.82 -0.31 -6.30
N PRO A 224 6.80 -1.17 -5.96
CA PRO A 224 8.24 -0.94 -6.17
C PRO A 224 8.74 -0.26 -7.44
N PRO A 225 8.13 -0.54 -8.61
CA PRO A 225 8.57 0.10 -9.87
C PRO A 225 8.20 1.58 -9.98
N TYR A 226 7.39 2.06 -9.06
CA TYR A 226 6.91 3.44 -9.09
C TYR A 226 7.38 4.29 -7.93
N GLN A 227 8.10 3.69 -6.99
CA GLN A 227 8.57 4.42 -5.81
C GLN A 227 9.67 5.44 -6.11
N ASN A 228 9.93 6.31 -5.13
CA ASN A 228 10.95 7.36 -5.25
C ASN A 228 10.74 8.28 -6.43
N LYS A 229 9.48 8.62 -6.71
CA LYS A 229 9.14 9.51 -7.81
C LYS A 229 8.19 10.63 -7.38
N GLY A 230 7.77 10.57 -6.12
CA GLY A 230 6.89 11.57 -5.57
C GLY A 230 5.45 11.12 -5.35
N HIS A 231 5.12 9.89 -5.73
CA HIS A 231 3.75 9.37 -5.60
C HIS A 231 3.20 9.28 -4.18
N GLY A 232 3.96 8.62 -3.30
CA GLY A 232 3.53 8.46 -1.92
C GLY A 232 3.21 9.78 -1.24
N SER A 233 3.97 10.81 -1.60
CA SER A 233 3.77 12.14 -1.05
C SER A 233 2.49 12.73 -1.59
N CYS A 234 2.30 12.64 -2.91
CA CYS A 234 1.11 13.18 -3.56
C CYS A 234 -0.14 12.42 -3.15
N LEU A 235 -0.01 11.10 -3.02
CA LEU A 235 -1.12 10.24 -2.64
C LEU A 235 -1.52 10.52 -1.19
N TYR A 236 -0.52 10.72 -0.32
CA TYR A 236 -0.75 11.01 1.08
C TYR A 236 -1.45 12.37 1.22
N GLU A 237 -0.89 13.36 0.53
CA GLU A 237 -1.43 14.71 0.58
C GLU A 237 -2.85 14.77 0.03
N ALA A 238 -3.14 13.94 -0.97
CA ALA A 238 -4.47 13.90 -1.57
C ALA A 238 -5.50 13.39 -0.58
N ILE A 239 -5.15 12.32 0.13
CA ILE A 239 -6.04 11.70 1.11
C ILE A 239 -6.26 12.63 2.30
N ILE A 240 -5.17 13.20 2.82
CA ILE A 240 -5.25 14.12 3.96
C ILE A 240 -6.11 15.33 3.61
N GLN A 241 -5.77 15.98 2.51
CA GLN A 241 -6.51 17.15 2.06
C GLN A 241 -7.99 16.82 1.92
N SER A 242 -8.27 15.61 1.46
CA SER A 242 -9.63 15.14 1.28
C SER A 242 -10.35 15.01 2.63
N TRP A 243 -9.66 14.41 3.59
CA TRP A 243 -10.21 14.21 4.92
C TRP A 243 -10.40 15.50 5.67
N LEU A 244 -9.52 16.46 5.40
CA LEU A 244 -9.58 17.77 6.05
C LEU A 244 -10.89 18.45 5.62
N GLU A 245 -11.22 18.33 4.32
CA GLU A 245 -12.41 18.94 3.76
C GLU A 245 -13.70 18.27 4.20
N ASP A 246 -13.63 17.00 4.59
CA ASP A 246 -14.81 16.27 5.05
C ASP A 246 -15.11 16.63 6.50
N LYS A 247 -16.17 17.42 6.70
CA LYS A 247 -16.58 17.89 8.02
C LYS A 247 -16.92 16.80 9.04
N SER A 248 -17.27 15.60 8.55
CA SER A 248 -17.61 14.50 9.44
C SER A 248 -16.38 13.81 10.03
N ILE A 249 -15.19 14.13 9.52
CA ILE A 249 -13.95 13.52 10.04
C ILE A 249 -13.35 14.42 11.14
N THR A 250 -13.30 13.85 12.35
CA THR A 250 -12.79 14.49 13.54
C THR A 250 -11.27 14.53 13.65
N GLU A 251 -10.65 13.35 13.56
CA GLU A 251 -9.20 13.22 13.71
C GLU A 251 -8.61 12.28 12.65
N ILE A 252 -7.35 12.50 12.32
CA ILE A 252 -6.66 11.70 11.33
C ILE A 252 -5.43 11.08 12.00
N THR A 253 -5.38 9.76 11.99
CA THR A 253 -4.24 9.08 12.61
C THR A 253 -3.66 7.98 11.73
N VAL A 254 -2.45 7.57 12.03
CA VAL A 254 -1.77 6.51 11.28
C VAL A 254 -1.50 5.27 12.11
N GLU A 255 -2.00 4.14 11.62
CA GLU A 255 -1.85 2.86 12.28
C GLU A 255 -0.44 2.29 12.09
N ASP A 256 0.26 2.12 13.20
CA ASP A 256 1.61 1.56 13.28
C ASP A 256 2.55 1.78 12.10
N PRO A 257 2.91 3.04 11.83
CA PRO A 257 3.81 3.39 10.73
C PRO A 257 5.26 2.93 10.94
N ASN A 258 5.94 2.65 9.84
CA ASN A 258 7.32 2.21 9.89
C ASN A 258 8.24 3.40 9.64
N GLU A 259 9.54 3.17 9.73
CA GLU A 259 10.53 4.22 9.54
C GLU A 259 10.30 5.05 8.28
N ALA A 260 10.12 4.36 7.15
CA ALA A 260 9.92 5.01 5.85
C ALA A 260 8.64 5.83 5.77
N PHE A 261 7.56 5.31 6.36
CA PHE A 261 6.31 6.05 6.33
C PHE A 261 6.32 7.22 7.31
N ASP A 262 7.01 7.04 8.44
CA ASP A 262 7.12 8.11 9.43
C ASP A 262 7.79 9.30 8.79
N ASP A 263 8.88 9.04 8.06
CA ASP A 263 9.63 10.08 7.36
C ASP A 263 8.77 10.80 6.33
N LEU A 264 7.91 10.05 5.63
CA LEU A 264 7.04 10.63 4.61
C LEU A 264 5.93 11.45 5.27
N ARG A 265 5.31 10.87 6.28
CA ARG A 265 4.25 11.51 7.05
C ARG A 265 4.75 12.88 7.53
N ASP A 266 5.92 12.89 8.17
CA ASP A 266 6.54 14.11 8.71
C ASP A 266 6.86 15.17 7.66
N ARG A 267 7.44 14.75 6.54
CA ARG A 267 7.82 15.70 5.50
C ARG A 267 6.61 16.44 4.93
N ASN A 268 5.53 15.72 4.68
CA ASN A 268 4.33 16.32 4.13
C ASN A 268 3.55 17.13 5.17
N ASP A 269 3.57 16.66 6.40
CA ASP A 269 2.87 17.35 7.49
C ASP A 269 3.53 18.71 7.74
N ILE A 270 4.85 18.71 7.85
CA ILE A 270 5.63 19.92 8.07
C ILE A 270 5.31 20.97 6.99
N GLN A 271 5.41 20.54 5.74
CA GLN A 271 5.16 21.41 4.59
C GLN A 271 3.73 21.96 4.52
N ARG A 272 2.77 21.21 5.06
CA ARG A 272 1.38 21.65 5.06
C ARG A 272 1.20 22.74 6.10
N LEU A 273 1.76 22.51 7.28
CA LEU A 273 1.66 23.46 8.37
C LEU A 273 2.35 24.78 8.03
N ARG A 274 3.50 24.71 7.35
CA ARG A 274 4.25 25.90 6.97
C ARG A 274 3.51 26.78 5.96
N LYS A 275 2.87 26.14 4.97
CA LYS A 275 2.11 26.86 3.95
C LYS A 275 0.89 27.54 4.57
N LEU A 276 0.52 27.12 5.77
CA LEU A 276 -0.60 27.70 6.48
C LEU A 276 -0.10 28.78 7.44
N GLY A 277 1.21 29.03 7.40
CA GLY A 277 1.80 30.05 8.25
C GLY A 277 2.17 29.67 9.67
N TYR A 278 1.96 28.41 10.04
CA TYR A 278 2.28 27.93 11.39
C TYR A 278 3.76 28.07 11.69
N ASP A 279 4.55 28.27 10.64
CA ASP A 279 5.99 28.43 10.78
C ASP A 279 6.25 29.61 11.73
N ALA A 280 5.55 30.70 11.47
CA ALA A 280 5.66 31.93 12.26
C ALA A 280 4.96 31.85 13.61
N VAL A 281 3.83 31.13 13.68
CA VAL A 281 3.08 30.96 14.92
C VAL A 281 3.92 30.29 16.00
N PHE A 282 4.78 29.36 15.59
CA PHE A 282 5.67 28.64 16.51
C PHE A 282 7.04 29.32 16.53
N GLN A 283 7.01 30.63 16.32
CA GLN A 283 8.18 31.50 16.32
C GLN A 283 7.86 32.68 17.26
N LYS A 284 6.81 32.50 18.07
CA LYS A 284 6.38 33.49 19.05
C LYS A 284 7.04 33.11 20.37
N HIS A 285 8.04 33.90 20.77
CA HIS A 285 8.81 33.67 22.00
C HIS A 285 8.04 33.91 23.32
N SER A 286 7.05 33.05 23.57
CA SER A 286 6.20 33.11 24.75
C SER A 286 5.27 31.90 24.75
N ASP A 287 5.66 30.87 23.98
CA ASP A 287 4.89 29.64 23.82
C ASP A 287 3.50 29.97 23.28
N LEU A 288 2.47 29.35 23.84
CA LEU A 288 1.10 29.59 23.42
C LEU A 288 0.12 28.92 24.37
N SER A 289 -1.10 29.45 24.44
CA SER A 289 -2.14 28.92 25.32
C SER A 289 -2.46 27.45 25.01
N ASP A 290 -2.92 26.74 26.03
CA ASP A 290 -3.28 25.34 25.87
C ASP A 290 -4.51 25.24 24.99
N GLU A 291 -5.48 26.12 25.24
CA GLU A 291 -6.72 26.17 24.47
C GLU A 291 -6.46 26.59 23.02
N PHE A 292 -5.31 27.22 22.80
CA PHE A 292 -4.92 27.63 21.46
C PHE A 292 -4.29 26.45 20.74
N LEU A 293 -3.46 25.69 21.46
CA LEU A 293 -2.80 24.51 20.90
C LEU A 293 -3.85 23.45 20.59
N GLU A 294 -4.90 23.43 21.39
CA GLU A 294 -6.00 22.48 21.22
C GLU A 294 -6.81 22.87 19.98
N SER A 295 -7.20 24.14 19.90
CA SER A 295 -7.99 24.63 18.79
C SER A 295 -7.29 24.45 17.45
N SER A 296 -5.98 24.66 17.42
CA SER A 296 -5.20 24.51 16.19
C SER A 296 -4.96 23.04 15.84
N ARG A 297 -4.84 22.19 16.87
CA ARG A 297 -4.63 20.78 16.65
C ARG A 297 -5.89 20.22 16.01
N LYS A 298 -7.03 20.72 16.47
CA LYS A 298 -8.32 20.30 15.95
C LYS A 298 -8.53 20.79 14.51
N SER A 299 -8.00 21.99 14.22
CA SER A 299 -8.09 22.61 12.91
C SER A 299 -7.34 21.77 11.90
N LEU A 300 -6.15 21.35 12.31
CA LEU A 300 -5.27 20.55 11.50
C LEU A 300 -5.67 19.06 11.45
N LYS A 301 -6.61 18.66 12.30
CA LYS A 301 -7.10 17.28 12.41
C LYS A 301 -6.05 16.22 12.73
N LEU A 302 -4.86 16.65 13.11
CA LEU A 302 -3.79 15.73 13.45
C LEU A 302 -4.03 15.11 14.82
N GLU A 303 -3.40 13.95 15.05
CA GLU A 303 -3.52 13.28 16.34
C GLU A 303 -2.51 13.97 17.26
N GLU A 304 -2.87 14.10 18.54
CA GLU A 304 -2.03 14.78 19.52
C GLU A 304 -0.54 14.41 19.51
N ARG A 305 -0.23 13.11 19.48
CA ARG A 305 1.16 12.65 19.47
C ARG A 305 1.91 13.20 18.28
N GLN A 306 1.26 13.16 17.12
CA GLN A 306 1.85 13.67 15.89
C GLN A 306 1.98 15.19 15.92
N PHE A 307 0.92 15.87 16.37
CA PHE A 307 0.91 17.33 16.47
C PHE A 307 2.10 17.79 17.30
N ASN A 308 2.22 17.26 18.52
CA ASN A 308 3.31 17.63 19.43
C ASN A 308 4.69 17.33 18.85
N ARG A 309 4.77 16.33 17.98
CA ARG A 309 6.05 16.01 17.35
C ARG A 309 6.33 17.09 16.31
N LEU A 310 5.28 17.52 15.62
CA LEU A 310 5.40 18.54 14.61
C LEU A 310 5.78 19.88 15.24
N VAL A 311 5.20 20.16 16.40
CA VAL A 311 5.49 21.40 17.12
C VAL A 311 6.97 21.41 17.47
N GLU A 312 7.46 20.28 17.97
CA GLU A 312 8.86 20.10 18.35
C GLU A 312 9.79 20.36 17.17
N MET A 313 9.47 19.77 16.01
CA MET A 313 10.27 19.95 14.80
C MET A 313 10.25 21.38 14.27
N LEU A 314 9.14 22.07 14.49
CA LEU A 314 9.02 23.44 14.03
C LEU A 314 9.69 24.41 15.00
N LEU A 315 10.06 23.93 16.19
CA LEU A 315 10.72 24.78 17.17
C LEU A 315 12.23 24.86 16.98
N LEU A 316 12.88 23.72 16.79
CA LEU A 316 14.33 23.75 16.59
C LEU A 316 14.67 24.23 15.17
N LEU A 317 13.66 24.17 14.29
CA LEU A 317 13.79 24.61 12.91
C LEU A 317 14.13 26.10 12.92
N ASN A 318 13.28 26.89 13.58
CA ASN A 318 13.48 28.32 13.70
C ASN A 318 13.73 28.70 15.18
N ASN A 319 14.70 28.02 15.78
CA ASN A 319 15.09 28.27 17.16
C ASN A 319 15.98 29.51 17.23
N SER A 320 15.35 30.68 17.40
CA SER A 320 16.06 31.95 17.47
C SER A 320 16.66 32.20 18.86
#